data_1MIX
#
_entry.id   1MIX
#
_cell.length_a   55.439
_cell.length_b   55.970
_cell.length_c   68.242
_cell.angle_alpha   90.00
_cell.angle_beta   111.25
_cell.angle_gamma   90.00
#
_symmetry.space_group_name_H-M   'C 1 2 1'
#
loop_
_entity.id
_entity.type
_entity.pdbx_description
1 polymer Talin
2 water water
#
_entity_poly.entity_id   1
_entity_poly.type   'polypeptide(L)'
_entity_poly.pdbx_seq_one_letter_code
;MKFFYSDQNVDSRDPVQLNLLYVQARDDILNGSHPVSFDKACEFAGYQCQIQFGPHNEQKHKPGFLELKDFLPKEYIKQK
GERKIFMAHKNCGNMSEIEAKVRYVKLARSLKTYGVSFFLVKEKMKGKNKLVPRLLGITKECVMRVDEKTKEVIQEWSLT
NIKRWAASPKSFTLDFGDYQDGYYSVQTTEGEQIAQLIAGYIDIIL
;
_entity_poly.pdbx_strand_id   A
#
# COMPACT_ATOMS: atom_id res chain seq x y z
N MET A 1 -2.28 -16.80 8.94
CA MET A 1 -2.16 -17.53 7.64
C MET A 1 -1.29 -16.74 6.66
N LYS A 2 -0.14 -17.32 6.33
CA LYS A 2 0.81 -16.69 5.42
C LYS A 2 0.68 -17.20 3.98
N PHE A 3 0.32 -16.29 3.07
CA PHE A 3 0.14 -16.65 1.66
C PHE A 3 1.40 -16.49 0.81
N PHE A 4 1.60 -17.44 -0.10
CA PHE A 4 2.72 -17.41 -1.04
C PHE A 4 2.08 -16.94 -2.34
N TYR A 5 2.70 -15.97 -3.02
CA TYR A 5 2.17 -15.49 -4.29
C TYR A 5 2.83 -16.18 -5.46
N SER A 6 2.03 -16.58 -6.43
CA SER A 6 2.53 -17.27 -7.61
C SER A 6 3.22 -16.38 -8.61
N ASP A 7 4.42 -16.78 -9.01
CA ASP A 7 5.18 -16.03 -9.99
C ASP A 7 4.55 -16.29 -11.36
N GLN A 8 4.23 -17.55 -11.63
CA GLN A 8 3.63 -17.93 -12.91
C GLN A 8 2.26 -17.33 -13.15
N ASN A 9 1.52 -17.03 -12.09
CA ASN A 9 0.20 -16.44 -12.28
C ASN A 9 0.33 -15.14 -13.09
N VAL A 10 1.38 -14.37 -12.83
CA VAL A 10 1.56 -13.09 -13.53
C VAL A 10 2.02 -13.26 -14.97
N ASP A 11 3.00 -14.14 -15.18
CA ASP A 11 3.54 -14.37 -16.52
C ASP A 11 2.53 -14.98 -17.48
N SER A 12 1.64 -15.82 -16.96
CA SER A 12 0.66 -16.50 -17.80
C SER A 12 -0.50 -15.65 -18.29
N ARG A 13 -0.66 -14.46 -17.72
CA ARG A 13 -1.75 -13.59 -18.13
C ARG A 13 -1.75 -13.24 -19.60
N ASP A 14 -2.95 -13.06 -20.15
CA ASP A 14 -3.16 -12.67 -21.54
C ASP A 14 -2.83 -11.17 -21.55
N PRO A 15 -2.18 -10.67 -22.60
CA PRO A 15 -1.85 -9.24 -22.66
C PRO A 15 -2.96 -8.34 -22.15
N VAL A 16 -4.20 -8.69 -22.48
CA VAL A 16 -5.36 -7.92 -22.08
C VAL A 16 -5.56 -7.98 -20.57
N GLN A 17 -5.55 -9.18 -20.01
CA GLN A 17 -5.73 -9.32 -18.57
C GLN A 17 -4.53 -8.77 -17.81
N LEU A 18 -3.35 -8.83 -18.41
CA LEU A 18 -2.15 -8.29 -17.76
C LEU A 18 -2.29 -6.78 -17.66
N ASN A 19 -2.73 -6.15 -18.74
CA ASN A 19 -2.90 -4.71 -18.73
C ASN A 19 -3.92 -4.34 -17.65
N LEU A 20 -4.96 -5.15 -17.54
CA LEU A 20 -6.02 -4.91 -16.56
C LEU A 20 -5.45 -4.92 -15.15
N LEU A 21 -4.64 -5.93 -14.85
CA LEU A 21 -4.02 -6.06 -13.53
C LEU A 21 -3.10 -4.86 -13.29
N TYR A 22 -2.33 -4.53 -14.31
CA TYR A 22 -1.39 -3.41 -14.21
C TYR A 22 -2.10 -2.11 -13.89
N VAL A 23 -3.14 -1.78 -14.64
CA VAL A 23 -3.88 -0.55 -14.42
C VAL A 23 -4.43 -0.49 -13.00
N GLN A 24 -4.93 -1.62 -12.52
CA GLN A 24 -5.47 -1.66 -11.17
C GLN A 24 -4.41 -1.45 -10.10
N ALA A 25 -3.28 -2.14 -10.22
CA ALA A 25 -2.19 -2.00 -9.26
C ALA A 25 -1.58 -0.61 -9.31
N ARG A 26 -1.42 -0.09 -10.52
CA ARG A 26 -0.87 1.24 -10.72
C ARG A 26 -1.78 2.31 -10.10
N ASP A 27 -3.07 2.23 -10.41
CA ASP A 27 -4.02 3.20 -9.88
C ASP A 27 -4.10 3.19 -8.35
N ASP A 28 -4.05 1.99 -7.76
CA ASP A 28 -4.09 1.89 -6.30
C ASP A 28 -2.90 2.59 -5.67
N ILE A 29 -1.73 2.44 -6.28
CA ILE A 29 -0.53 3.08 -5.79
C ILE A 29 -0.63 4.59 -5.98
N LEU A 30 -0.98 5.02 -7.20
CA LEU A 30 -1.09 6.44 -7.46
C LEU A 30 -2.14 7.16 -6.62
N ASN A 31 -3.28 6.51 -6.36
CA ASN A 31 -4.31 7.17 -5.55
C ASN A 31 -4.16 6.97 -4.05
N GLY A 32 -3.13 6.25 -3.63
CA GLY A 32 -2.92 6.06 -2.21
C GLY A 32 -3.61 4.87 -1.57
N SER A 33 -4.39 4.13 -2.35
CA SER A 33 -5.09 2.94 -1.84
C SER A 33 -4.07 1.91 -1.34
N HIS A 34 -2.95 1.82 -2.04
CA HIS A 34 -1.89 0.90 -1.67
C HIS A 34 -0.68 1.77 -1.29
N PRO A 35 -0.49 2.02 0.02
CA PRO A 35 0.62 2.83 0.55
C PRO A 35 1.97 2.16 0.31
N VAL A 36 2.91 2.91 -0.26
CA VAL A 36 4.25 2.36 -0.51
C VAL A 36 5.31 3.37 -0.07
N SER A 37 6.52 2.92 0.17
CA SER A 37 7.61 3.81 0.57
C SER A 37 8.00 4.68 -0.61
N PHE A 38 8.74 5.75 -0.32
CA PHE A 38 9.22 6.65 -1.37
C PHE A 38 10.08 5.87 -2.37
N ASP A 39 11.03 5.08 -1.87
CA ASP A 39 11.89 4.28 -2.74
C ASP A 39 11.06 3.40 -3.67
N LYS A 40 10.08 2.69 -3.11
CA LYS A 40 9.26 1.81 -3.94
C LYS A 40 8.44 2.60 -4.96
N ALA A 41 7.87 3.73 -4.54
CA ALA A 41 7.08 4.54 -5.47
C ALA A 41 7.92 4.92 -6.68
N CYS A 42 9.19 5.26 -6.45
CA CYS A 42 10.07 5.63 -7.57
C CYS A 42 10.39 4.41 -8.44
N GLU A 43 10.52 3.25 -7.82
CA GLU A 43 10.79 2.02 -8.55
C GLU A 43 9.61 1.71 -9.46
N PHE A 44 8.40 1.83 -8.93
CA PHE A 44 7.20 1.60 -9.73
C PHE A 44 7.15 2.61 -10.87
N ALA A 45 7.37 3.87 -10.54
CA ALA A 45 7.34 4.93 -11.55
C ALA A 45 8.34 4.67 -12.67
N GLY A 46 9.46 4.05 -12.35
CA GLY A 46 10.46 3.75 -13.36
C GLY A 46 9.88 2.80 -14.40
N TYR A 47 9.15 1.80 -13.92
CA TYR A 47 8.52 0.83 -14.82
C TYR A 47 7.42 1.53 -15.60
N GLN A 48 6.69 2.42 -14.93
CA GLN A 48 5.60 3.16 -15.57
C GLN A 48 6.15 4.01 -16.72
N CYS A 49 7.35 4.55 -16.54
CA CYS A 49 7.98 5.37 -17.57
C CYS A 49 8.29 4.49 -18.78
N GLN A 50 8.86 3.31 -18.52
CA GLN A 50 9.20 2.38 -19.60
C GLN A 50 7.95 2.00 -20.38
N ILE A 51 6.85 1.82 -19.66
CA ILE A 51 5.56 1.46 -20.24
C ILE A 51 4.95 2.58 -21.08
N GLN A 52 5.02 3.81 -20.58
CA GLN A 52 4.42 4.93 -21.30
C GLN A 52 5.31 5.61 -22.33
N PHE A 53 6.62 5.54 -22.16
CA PHE A 53 7.50 6.22 -23.10
C PHE A 53 8.47 5.32 -23.86
N GLY A 54 8.58 4.07 -23.45
CA GLY A 54 9.53 3.19 -24.11
C GLY A 54 10.87 3.41 -23.40
N PRO A 55 11.99 2.90 -23.96
CA PRO A 55 13.30 3.05 -23.35
C PRO A 55 13.67 4.49 -22.98
N HIS A 56 14.37 4.65 -21.86
CA HIS A 56 14.80 5.97 -21.41
C HIS A 56 15.62 6.65 -22.49
N ASN A 57 15.27 7.91 -22.77
CA ASN A 57 15.94 8.69 -23.80
C ASN A 57 16.44 9.99 -23.20
N GLU A 58 17.75 10.09 -22.97
CA GLU A 58 18.34 11.27 -22.37
C GLU A 58 18.06 12.55 -23.14
N GLN A 59 17.90 12.45 -24.45
CA GLN A 59 17.63 13.62 -25.27
C GLN A 59 16.25 14.22 -25.00
N LYS A 60 15.33 13.43 -24.45
CA LYS A 60 13.99 13.95 -24.19
C LYS A 60 13.56 13.88 -22.74
N HIS A 61 13.96 12.82 -22.06
CA HIS A 61 13.59 12.63 -20.66
C HIS A 61 14.61 13.34 -19.78
N LYS A 62 14.57 14.67 -19.84
CA LYS A 62 15.46 15.53 -19.07
C LYS A 62 14.73 16.05 -17.84
N PRO A 63 15.48 16.67 -16.90
CA PRO A 63 14.88 17.20 -15.68
C PRO A 63 13.71 18.11 -15.99
N GLY A 64 12.56 17.82 -15.39
CA GLY A 64 11.37 18.61 -15.61
C GLY A 64 10.43 18.06 -16.67
N PHE A 65 10.81 16.95 -17.29
CA PHE A 65 9.98 16.35 -18.33
C PHE A 65 8.72 15.69 -17.79
N LEU A 66 8.84 15.03 -16.66
CA LEU A 66 7.70 14.33 -16.08
C LEU A 66 6.73 15.18 -15.28
N GLU A 67 5.45 14.86 -15.41
CA GLU A 67 4.41 15.51 -14.63
C GLU A 67 4.32 14.52 -13.47
N LEU A 68 5.01 14.82 -12.37
CA LEU A 68 5.03 13.93 -11.22
C LEU A 68 3.68 13.47 -10.71
N LYS A 69 2.65 14.31 -10.89
CA LYS A 69 1.31 13.98 -10.45
C LYS A 69 0.80 12.67 -11.05
N ASP A 70 1.28 12.33 -12.24
CA ASP A 70 0.85 11.11 -12.92
C ASP A 70 1.70 9.88 -12.62
N PHE A 71 2.83 10.08 -11.95
CA PHE A 71 3.76 9.00 -11.66
C PHE A 71 4.02 8.66 -10.19
N LEU A 72 3.58 9.53 -9.30
CA LEU A 72 3.82 9.31 -7.88
C LEU A 72 2.60 9.57 -7.02
N PRO A 73 2.52 8.90 -5.86
CA PRO A 73 1.37 9.18 -5.02
C PRO A 73 1.57 10.62 -4.53
N LYS A 74 0.48 11.34 -4.29
CA LYS A 74 0.57 12.74 -3.86
C LYS A 74 1.58 13.07 -2.76
N GLU A 75 1.66 12.24 -1.73
CA GLU A 75 2.57 12.54 -0.64
C GLU A 75 4.06 12.55 -0.98
N TYR A 76 4.41 12.16 -2.20
CA TYR A 76 5.81 12.12 -2.60
C TYR A 76 6.15 13.13 -3.68
N ILE A 77 5.13 13.84 -4.16
CA ILE A 77 5.34 14.82 -5.21
C ILE A 77 6.32 15.92 -4.81
N LYS A 78 6.37 16.23 -3.52
CA LYS A 78 7.26 17.27 -3.02
C LYS A 78 8.70 16.83 -2.80
N GLN A 79 8.91 15.55 -2.49
CA GLN A 79 10.26 15.05 -2.24
C GLN A 79 11.06 15.01 -3.53
N LYS A 80 10.44 15.47 -4.61
CA LYS A 80 11.08 15.52 -5.92
C LYS A 80 11.93 14.29 -6.18
N GLY A 81 11.28 13.21 -6.58
CA GLY A 81 11.99 11.98 -6.85
C GLY A 81 12.21 11.71 -8.33
N GLU A 82 12.16 12.75 -9.15
CA GLU A 82 12.36 12.56 -10.58
C GLU A 82 13.70 11.91 -10.88
N ARG A 83 14.75 12.30 -10.15
CA ARG A 83 16.08 11.73 -10.35
C ARG A 83 16.04 10.21 -10.18
N LYS A 84 15.47 9.77 -9.07
CA LYS A 84 15.36 8.34 -8.79
C LYS A 84 14.49 7.66 -9.84
N ILE A 85 13.39 8.31 -10.23
CA ILE A 85 12.49 7.74 -11.23
C ILE A 85 13.23 7.53 -12.56
N PHE A 86 13.97 8.54 -13.02
CA PHE A 86 14.72 8.41 -14.26
C PHE A 86 15.83 7.37 -14.16
N MET A 87 16.38 7.20 -12.97
CA MET A 87 17.43 6.21 -12.80
C MET A 87 16.82 4.81 -12.91
N ALA A 88 15.62 4.63 -12.36
CA ALA A 88 14.95 3.34 -12.45
C ALA A 88 14.52 3.11 -13.89
N HIS A 89 14.07 4.17 -14.55
CA HIS A 89 13.65 4.08 -15.94
C HIS A 89 14.83 3.66 -16.80
N LYS A 90 15.98 4.28 -16.59
CA LYS A 90 17.16 3.94 -17.38
C LYS A 90 17.58 2.50 -17.09
N ASN A 91 17.45 2.07 -15.83
CA ASN A 91 17.83 0.71 -15.46
C ASN A 91 16.99 -0.35 -16.16
N CYS A 92 15.85 0.04 -16.71
CA CYS A 92 14.98 -0.90 -17.42
C CYS A 92 15.55 -1.28 -18.79
N GLY A 93 16.55 -0.53 -19.24
CA GLY A 93 17.16 -0.83 -20.54
C GLY A 93 16.14 -0.86 -21.66
N ASN A 94 16.15 -1.92 -22.46
CA ASN A 94 15.23 -2.05 -23.59
C ASN A 94 14.08 -3.01 -23.28
N MET A 95 13.76 -3.12 -21.98
CA MET A 95 12.67 -3.96 -21.50
C MET A 95 11.40 -3.69 -22.29
N SER A 96 10.68 -4.74 -22.65
CA SER A 96 9.45 -4.57 -23.41
C SER A 96 8.35 -4.04 -22.52
N GLU A 97 7.30 -3.49 -23.14
CA GLU A 97 6.17 -2.95 -22.39
C GLU A 97 5.51 -4.06 -21.58
N ILE A 98 5.49 -5.27 -22.15
CA ILE A 98 4.90 -6.42 -21.47
C ILE A 98 5.72 -6.80 -20.25
N GLU A 99 7.03 -6.91 -20.44
CA GLU A 99 7.91 -7.29 -19.33
C GLU A 99 7.85 -6.28 -18.20
N ALA A 100 7.70 -5.00 -18.53
CA ALA A 100 7.64 -3.96 -17.52
C ALA A 100 6.36 -4.05 -16.70
N LYS A 101 5.24 -4.37 -17.35
CA LYS A 101 3.96 -4.50 -16.63
C LYS A 101 4.03 -5.73 -15.75
N VAL A 102 4.72 -6.77 -16.22
CA VAL A 102 4.84 -7.98 -15.42
C VAL A 102 5.62 -7.68 -14.15
N ARG A 103 6.75 -6.99 -14.28
CA ARG A 103 7.56 -6.66 -13.11
C ARG A 103 6.80 -5.73 -12.17
N TYR A 104 6.00 -4.84 -12.74
CA TYR A 104 5.21 -3.89 -11.95
C TYR A 104 4.23 -4.65 -11.06
N VAL A 105 3.47 -5.56 -11.66
CA VAL A 105 2.49 -6.35 -10.91
C VAL A 105 3.17 -7.24 -9.86
N LYS A 106 4.29 -7.87 -10.23
CA LYS A 106 4.96 -8.72 -9.25
C LYS A 106 5.53 -7.87 -8.11
N LEU A 107 6.05 -6.69 -8.43
CA LEU A 107 6.62 -5.85 -7.38
C LEU A 107 5.52 -5.49 -6.38
N ALA A 108 4.34 -5.16 -6.90
CA ALA A 108 3.23 -4.80 -6.04
C ALA A 108 2.83 -5.97 -5.16
N ARG A 109 2.79 -7.17 -5.74
CA ARG A 109 2.40 -8.37 -4.98
C ARG A 109 3.46 -8.82 -3.98
N SER A 110 4.68 -8.34 -4.15
CA SER A 110 5.78 -8.71 -3.24
C SER A 110 5.71 -7.95 -1.94
N LEU A 111 4.97 -6.84 -1.89
CA LEU A 111 4.89 -6.02 -0.69
C LEU A 111 3.85 -6.54 0.32
N LYS A 112 4.19 -6.44 1.61
CA LYS A 112 3.29 -6.93 2.65
C LYS A 112 1.99 -6.14 2.70
N THR A 113 2.02 -4.96 2.10
CA THR A 113 0.88 -4.07 2.06
C THR A 113 -0.11 -4.37 0.92
N TYR A 114 0.28 -5.24 -0.01
CA TYR A 114 -0.60 -5.57 -1.13
C TYR A 114 -1.91 -6.20 -0.67
N GLY A 115 -3.03 -5.73 -1.24
CA GLY A 115 -4.33 -6.28 -0.91
C GLY A 115 -4.84 -5.99 0.49
N VAL A 116 -4.34 -4.92 1.09
CA VAL A 116 -4.73 -4.52 2.42
C VAL A 116 -5.56 -3.25 2.37
N SER A 117 -6.67 -3.23 3.11
CA SER A 117 -7.53 -2.03 3.16
C SER A 117 -6.98 -1.18 4.29
N PHE A 118 -6.54 0.03 3.96
CA PHE A 118 -5.96 0.93 4.95
C PHE A 118 -6.82 2.09 5.36
N PHE A 119 -6.61 2.54 6.60
CA PHE A 119 -7.30 3.67 7.18
C PHE A 119 -6.27 4.50 7.92
N LEU A 120 -6.29 5.82 7.76
CA LEU A 120 -5.34 6.68 8.48
C LEU A 120 -5.95 7.03 9.83
N VAL A 121 -5.33 6.54 10.90
CA VAL A 121 -5.82 6.76 12.25
C VAL A 121 -4.76 7.46 13.09
N LYS A 122 -5.13 7.85 14.30
CA LYS A 122 -4.19 8.51 15.18
C LYS A 122 -4.08 7.75 16.50
N GLU A 123 -2.84 7.43 16.89
CA GLU A 123 -2.60 6.71 18.14
C GLU A 123 -2.27 7.73 19.21
N LYS A 124 -2.75 7.49 20.41
CA LYS A 124 -2.51 8.39 21.53
C LYS A 124 -1.45 7.80 22.43
N MET A 125 -0.43 8.58 22.73
CA MET A 125 0.65 8.15 23.60
C MET A 125 0.33 8.62 25.03
N LYS A 126 0.30 7.69 25.97
CA LYS A 126 0.02 7.99 27.37
C LYS A 126 0.66 9.29 27.81
N GLY A 127 -0.18 10.23 28.26
CA GLY A 127 0.33 11.51 28.71
C GLY A 127 1.20 12.20 27.68
N LYS A 128 0.59 12.61 26.57
CA LYS A 128 1.28 13.31 25.49
C LYS A 128 0.21 13.82 24.54
N ASN A 129 -0.12 15.09 24.69
CA ASN A 129 -1.15 15.74 23.91
C ASN A 129 -1.06 15.54 22.40
N LYS A 130 0.13 15.23 21.90
CA LYS A 130 0.28 15.05 20.46
C LYS A 130 0.17 13.61 19.97
N LEU A 131 -0.82 13.39 19.13
CA LEU A 131 -1.12 12.09 18.54
C LEU A 131 -0.07 11.66 17.53
N VAL A 132 -0.09 10.38 17.17
CA VAL A 132 0.85 9.83 16.21
C VAL A 132 0.06 9.20 15.08
N PRO A 133 0.13 9.76 13.86
CA PRO A 133 -0.61 9.21 12.72
C PRO A 133 -0.09 7.82 12.40
N ARG A 134 -0.98 6.93 11.97
CA ARG A 134 -0.58 5.58 11.66
C ARG A 134 -1.53 4.98 10.64
N LEU A 135 -1.02 4.13 9.77
CA LEU A 135 -1.87 3.47 8.79
C LEU A 135 -2.31 2.15 9.42
N LEU A 136 -3.62 1.94 9.50
CA LEU A 136 -4.17 0.70 10.06
C LEU A 136 -4.73 -0.09 8.89
N GLY A 137 -4.17 -1.28 8.66
CA GLY A 137 -4.60 -2.12 7.56
C GLY A 137 -5.33 -3.38 7.97
N ILE A 138 -6.35 -3.74 7.20
CA ILE A 138 -7.15 -4.91 7.51
C ILE A 138 -7.31 -5.84 6.30
N THR A 139 -7.22 -7.14 6.55
CA THR A 139 -7.45 -8.14 5.50
C THR A 139 -8.23 -9.25 6.18
N LYS A 140 -8.68 -10.21 5.38
CA LYS A 140 -9.42 -11.34 5.93
C LYS A 140 -8.58 -12.12 6.94
N GLU A 141 -7.26 -12.03 6.84
CA GLU A 141 -6.37 -12.76 7.75
C GLU A 141 -5.74 -11.95 8.87
N CYS A 142 -5.58 -10.64 8.71
CA CYS A 142 -4.92 -9.90 9.76
C CYS A 142 -5.21 -8.41 9.87
N VAL A 143 -4.61 -7.83 10.90
CA VAL A 143 -4.70 -6.40 11.16
C VAL A 143 -3.25 -5.99 11.29
N MET A 144 -2.86 -4.88 10.67
CA MET A 144 -1.49 -4.45 10.75
C MET A 144 -1.36 -2.95 10.97
N ARG A 145 -0.33 -2.56 11.71
CA ARG A 145 -0.03 -1.15 11.94
C ARG A 145 1.13 -0.87 11.01
N VAL A 146 1.00 0.20 10.23
CA VAL A 146 2.02 0.56 9.26
C VAL A 146 2.47 2.01 9.45
N ASP A 147 3.77 2.23 9.36
CA ASP A 147 4.33 3.58 9.53
C ASP A 147 3.75 4.43 8.41
N GLU A 148 3.15 5.56 8.79
CA GLU A 148 2.52 6.44 7.82
C GLU A 148 3.48 7.06 6.83
N LYS A 149 4.72 7.32 7.25
CA LYS A 149 5.71 7.91 6.36
C LYS A 149 6.58 6.92 5.59
N THR A 150 7.11 5.92 6.28
CA THR A 150 7.99 4.94 5.63
C THR A 150 7.29 3.70 5.13
N LYS A 151 6.08 3.46 5.62
CA LYS A 151 5.29 2.30 5.27
C LYS A 151 5.87 0.99 5.81
N GLU A 152 6.77 1.11 6.78
CA GLU A 152 7.35 -0.05 7.43
C GLU A 152 6.20 -0.71 8.17
N VAL A 153 6.11 -2.04 8.12
CA VAL A 153 5.06 -2.74 8.84
C VAL A 153 5.61 -2.89 10.26
N ILE A 154 5.01 -2.19 11.21
CA ILE A 154 5.51 -2.21 12.59
C ILE A 154 4.84 -3.23 13.53
N GLN A 155 3.68 -3.72 13.15
CA GLN A 155 3.00 -4.72 13.98
C GLN A 155 1.92 -5.43 13.19
N GLU A 156 1.71 -6.70 13.50
CA GLU A 156 0.71 -7.48 12.81
C GLU A 156 0.03 -8.40 13.82
N TRP A 157 -1.30 -8.52 13.73
CA TRP A 157 -2.09 -9.39 14.60
C TRP A 157 -2.94 -10.28 13.70
N SER A 158 -3.16 -11.52 14.11
CA SER A 158 -4.01 -12.41 13.34
C SER A 158 -5.44 -11.96 13.63
N LEU A 159 -6.28 -11.90 12.60
CA LEU A 159 -7.66 -11.48 12.78
C LEU A 159 -8.40 -12.44 13.73
N THR A 160 -8.04 -13.72 13.71
CA THR A 160 -8.69 -14.70 14.57
C THR A 160 -8.31 -14.54 16.04
N ASN A 161 -7.39 -13.63 16.33
CA ASN A 161 -6.98 -13.41 17.72
C ASN A 161 -7.71 -12.25 18.39
N ILE A 162 -8.59 -11.60 17.63
CA ILE A 162 -9.40 -10.49 18.15
C ILE A 162 -10.50 -11.13 18.97
N LYS A 163 -10.61 -10.76 20.24
CA LYS A 163 -11.65 -11.33 21.08
C LYS A 163 -12.95 -10.56 20.87
N ARG A 164 -12.84 -9.25 20.81
CA ARG A 164 -14.00 -8.39 20.59
C ARG A 164 -13.53 -7.04 20.05
N TRP A 165 -14.45 -6.27 19.49
CA TRP A 165 -14.07 -4.99 18.93
C TRP A 165 -15.21 -4.02 19.05
N ALA A 166 -14.91 -2.73 18.99
CA ALA A 166 -15.94 -1.70 19.10
C ALA A 166 -15.59 -0.47 18.29
N ALA A 167 -16.59 0.36 18.05
CA ALA A 167 -16.36 1.59 17.31
C ALA A 167 -17.29 2.68 17.82
N SER A 168 -16.96 3.92 17.52
CA SER A 168 -17.77 5.06 17.92
C SER A 168 -17.53 6.08 16.83
N PRO A 169 -18.21 7.22 16.87
CA PRO A 169 -17.98 8.20 15.82
C PRO A 169 -16.60 8.88 15.90
N LYS A 170 -15.85 8.60 16.97
CA LYS A 170 -14.53 9.21 17.12
C LYS A 170 -13.40 8.21 17.41
N SER A 171 -13.74 6.92 17.50
CA SER A 171 -12.71 5.93 17.78
C SER A 171 -12.99 4.53 17.25
N PHE A 172 -11.97 3.69 17.35
CA PHE A 172 -12.07 2.29 16.96
C PHE A 172 -11.24 1.55 17.98
N THR A 173 -11.75 0.44 18.46
CA THR A 173 -11.04 -0.31 19.50
C THR A 173 -11.00 -1.82 19.25
N LEU A 174 -9.82 -2.41 19.45
CA LEU A 174 -9.62 -3.85 19.30
C LEU A 174 -9.17 -4.42 20.65
N ASP A 175 -9.77 -5.54 21.06
CA ASP A 175 -9.41 -6.18 22.32
C ASP A 175 -8.90 -7.57 21.95
N PHE A 176 -7.62 -7.82 22.21
CA PHE A 176 -7.02 -9.11 21.89
C PHE A 176 -6.94 -10.01 23.11
N GLY A 177 -7.69 -9.67 24.15
CA GLY A 177 -7.67 -10.50 25.35
C GLY A 177 -6.27 -10.62 25.92
N ASP A 178 -5.91 -11.83 26.33
CA ASP A 178 -4.59 -12.11 26.91
C ASP A 178 -3.36 -11.94 26.03
N TYR A 179 -3.57 -11.72 24.73
CA TYR A 179 -2.43 -11.55 23.85
C TYR A 179 -1.63 -10.31 24.18
N GLN A 180 -2.28 -9.32 24.77
CA GLN A 180 -1.57 -8.10 25.15
C GLN A 180 -2.30 -7.39 26.28
N ASP A 181 -1.62 -6.46 26.92
CA ASP A 181 -2.21 -5.74 28.03
C ASP A 181 -2.99 -4.51 27.57
N GLY A 182 -4.31 -4.62 27.57
CA GLY A 182 -5.11 -3.49 27.19
C GLY A 182 -5.47 -3.45 25.71
N TYR A 183 -6.43 -2.59 25.39
CA TYR A 183 -6.90 -2.47 24.03
C TYR A 183 -5.93 -1.72 23.14
N TYR A 184 -6.17 -1.84 21.84
CA TYR A 184 -5.46 -1.07 20.87
C TYR A 184 -6.63 -0.17 20.48
N SER A 185 -6.57 1.09 20.86
CA SER A 185 -7.67 2.02 20.57
C SER A 185 -7.13 3.25 19.88
N VAL A 186 -7.73 3.61 18.76
CA VAL A 186 -7.26 4.76 18.01
C VAL A 186 -8.35 5.77 17.72
N GLN A 187 -7.94 7.00 17.45
CA GLN A 187 -8.89 8.04 17.12
C GLN A 187 -9.05 8.02 15.60
N THR A 188 -10.30 8.11 15.15
CA THR A 188 -10.61 8.09 13.73
C THR A 188 -12.08 8.44 13.56
N THR A 189 -12.42 8.99 12.41
CA THR A 189 -13.81 9.34 12.15
C THR A 189 -14.42 8.22 11.31
N GLU A 190 -13.61 7.18 11.05
CA GLU A 190 -14.05 6.06 10.23
C GLU A 190 -14.19 4.74 10.99
N GLY A 191 -14.20 4.81 12.32
CA GLY A 191 -14.31 3.60 13.12
C GLY A 191 -15.47 2.68 12.75
N GLU A 192 -16.64 3.24 12.48
CA GLU A 192 -17.78 2.41 12.13
C GLU A 192 -17.54 1.66 10.83
N GLN A 193 -16.85 2.29 9.89
CA GLN A 193 -16.54 1.65 8.63
C GLN A 193 -15.51 0.53 8.88
N ILE A 194 -14.58 0.76 9.81
CA ILE A 194 -13.57 -0.25 10.11
C ILE A 194 -14.21 -1.48 10.76
N ALA A 195 -15.12 -1.23 11.70
CA ALA A 195 -15.80 -2.31 12.39
C ALA A 195 -16.66 -3.15 11.44
N GLN A 196 -17.28 -2.49 10.47
CA GLN A 196 -18.12 -3.18 9.49
C GLN A 196 -17.27 -4.09 8.61
N LEU A 197 -16.06 -3.63 8.28
CA LEU A 197 -15.16 -4.41 7.44
C LEU A 197 -14.77 -5.68 8.20
N ILE A 198 -14.38 -5.52 9.45
CA ILE A 198 -14.00 -6.66 10.27
C ILE A 198 -15.18 -7.63 10.43
N ALA A 199 -16.38 -7.08 10.64
CA ALA A 199 -17.57 -7.92 10.79
C ALA A 199 -17.87 -8.74 9.54
N GLY A 200 -17.35 -8.30 8.40
CA GLY A 200 -17.56 -9.05 7.18
C GLY A 200 -16.55 -10.18 7.04
N TYR A 201 -15.55 -10.21 7.92
CA TYR A 201 -14.50 -11.21 7.88
C TYR A 201 -14.65 -12.23 9.01
N ILE A 202 -15.08 -11.76 10.17
CA ILE A 202 -15.29 -12.66 11.29
C ILE A 202 -16.73 -12.43 11.74
N ASP A 203 -17.41 -13.50 12.09
CA ASP A 203 -18.79 -13.40 12.52
C ASP A 203 -18.90 -12.92 13.96
N ILE A 204 -20.06 -12.40 14.30
CA ILE A 204 -20.30 -11.90 15.65
C ILE A 204 -21.11 -12.93 16.43
N ILE A 205 -20.83 -13.04 17.72
CA ILE A 205 -21.57 -13.95 18.58
C ILE A 205 -22.88 -13.24 18.88
N LEU A 206 -24.00 -13.89 18.61
CA LEU A 206 -25.29 -13.29 18.86
C LEU A 206 -25.77 -13.65 20.27
#